data_6DYX
#
_entry.id   6DYX
#
_cell.length_a   58.281
_cell.length_b   58.281
_cell.length_c   155.358
_cell.angle_alpha   90.00
_cell.angle_beta   90.00
_cell.angle_gamma   120.00
#
_symmetry.space_group_name_H-M   'P 65 2 2'
#
loop_
_entity.id
_entity.type
_entity.pdbx_description
1 polymer 'VHH R419'
2 non-polymer 'SULFATE ION'
3 non-polymer 'ACETATE ION'
4 water water
#
_entity_poly.entity_id   1
_entity_poly.type   'polypeptide(L)'
_entity_poly.pdbx_seq_one_letter_code
;QVKLEESGGGLVQAGGSLRLSCAASGRTYSTYAMGWFRQTPGKERELVAAINWSGGNTHYADSVKGRFTISRDNAKSTVY
LQMNSLKPEDTAVYYCAAPKGHTGDHYWGPGTQVTVSSHHHHHH
;
_entity_poly.pdbx_strand_id   D
#
loop_
_chem_comp.id
_chem_comp.type
_chem_comp.name
_chem_comp.formula
ACT non-polymer 'ACETATE ION' 'C2 H3 O2 -1'
SO4 non-polymer 'SULFATE ION' 'O4 S -2'
#
# COMPACT_ATOMS: atom_id res chain seq x y z
N GLN A 1 -5.47 6.81 18.37
CA GLN A 1 -5.82 6.33 17.03
C GLN A 1 -4.65 5.53 16.45
N VAL A 2 -4.95 4.65 15.49
CA VAL A 2 -3.92 3.87 14.84
C VAL A 2 -3.03 4.79 14.02
N LYS A 3 -1.72 4.58 14.10
CA LYS A 3 -0.73 5.30 13.34
C LYS A 3 -0.11 4.35 12.31
N LEU A 4 -0.01 4.81 11.07
CA LEU A 4 0.49 4.00 9.96
C LEU A 4 1.84 4.55 9.54
N GLU A 5 2.86 3.70 9.57
CA GLU A 5 4.24 4.07 9.26
C GLU A 5 4.67 3.39 7.97
N GLU A 6 5.16 4.19 7.03
CA GLU A 6 5.52 3.73 5.69
C GLU A 6 7.02 3.70 5.50
N SER A 7 7.47 2.80 4.65
CA SER A 7 8.85 2.83 4.18
C SER A 7 8.93 2.22 2.79
N GLY A 8 10.09 2.39 2.17
CA GLY A 8 10.28 1.95 0.81
C GLY A 8 10.04 3.06 -0.19
N GLY A 9 9.95 2.67 -1.44
CA GLY A 9 9.71 3.63 -2.49
C GLY A 9 11.00 4.31 -2.93
N GLY A 10 10.82 5.27 -3.81
CA GLY A 10 11.94 5.97 -4.39
C GLY A 10 11.85 5.98 -5.89
N LEU A 11 13.00 6.15 -6.52
CA LEU A 11 13.11 6.28 -7.95
C LEU A 11 13.65 4.98 -8.54
N VAL A 12 13.02 4.52 -9.62
CA VAL A 12 13.41 3.26 -10.25
C VAL A 12 13.20 3.38 -11.75
N GLN A 13 14.02 2.65 -12.52
CA GLN A 13 13.84 2.62 -13.96
C GLN A 13 12.61 1.78 -14.32
N ALA A 14 11.98 2.13 -15.43
CA ALA A 14 10.90 1.32 -15.96
C ALA A 14 11.36 -0.13 -16.13
N GLY A 15 10.46 -1.06 -15.80
CA GLY A 15 10.78 -2.47 -15.74
C GLY A 15 11.33 -2.92 -14.41
N GLY A 16 11.73 -1.99 -13.55
CA GLY A 16 12.32 -2.32 -12.27
C GLY A 16 11.25 -2.64 -11.24
N SER A 17 11.70 -2.83 -10.00
CA SER A 17 10.82 -3.22 -8.91
CA SER A 17 10.79 -3.18 -8.93
C SER A 17 11.11 -2.38 -7.68
N LEU A 18 10.09 -2.23 -6.84
CA LEU A 18 10.20 -1.62 -5.52
C LEU A 18 9.32 -2.43 -4.58
N ARG A 19 9.64 -2.37 -3.29
CA ARG A 19 8.81 -3.00 -2.26
C ARG A 19 8.47 -1.95 -1.21
N LEU A 20 7.17 -1.65 -1.06
CA LEU A 20 6.69 -0.74 -0.03
C LEU A 20 6.28 -1.52 1.20
N SER A 21 6.42 -0.88 2.36
CA SER A 21 5.92 -1.49 3.60
C SER A 21 5.11 -0.47 4.37
N CYS A 22 4.14 -0.99 5.12
CA CYS A 22 3.36 -0.15 6.02
C CYS A 22 3.07 -0.95 7.29
N ALA A 23 3.32 -0.33 8.43
CA ALA A 23 3.14 -0.98 9.72
C ALA A 23 2.12 -0.19 10.54
N ALA A 24 1.22 -0.91 11.20
CA ALA A 24 0.35 -0.31 12.21
C ALA A 24 1.18 -0.23 13.48
N SER A 25 1.75 0.95 13.73
CA SER A 25 2.87 1.04 14.66
C SER A 25 2.48 0.61 16.06
N GLY A 26 3.36 -0.17 16.70
CA GLY A 26 3.14 -0.65 18.05
C GLY A 26 2.06 -1.70 18.22
N ARG A 27 1.50 -2.22 17.13
N ARG A 27 1.50 -2.22 17.13
CA ARG A 27 0.39 -3.16 17.18
CA ARG A 27 0.38 -3.16 17.18
C ARG A 27 0.88 -4.58 16.87
C ARG A 27 0.88 -4.57 16.87
N THR A 28 0.37 -5.55 17.61
CA THR A 28 0.68 -6.97 17.39
C THR A 28 -0.60 -7.68 16.98
N TYR A 29 -0.55 -8.39 15.85
CA TYR A 29 -1.75 -9.05 15.28
C TYR A 29 -2.91 -8.04 15.17
N SER A 30 -2.61 -6.89 14.59
CA SER A 30 -3.65 -5.89 14.39
C SER A 30 -4.80 -6.46 13.57
N THR A 31 -6.02 -6.05 13.93
CA THR A 31 -7.22 -6.47 13.21
C THR A 31 -7.62 -5.54 12.08
N TYR A 32 -6.84 -4.50 11.80
CA TYR A 32 -7.16 -3.61 10.69
C TYR A 32 -6.81 -4.22 9.35
N ALA A 33 -7.75 -4.19 8.41
CA ALA A 33 -7.37 -4.30 7.01
C ALA A 33 -6.38 -3.18 6.69
N MET A 34 -5.48 -3.46 5.75
CA MET A 34 -4.47 -2.48 5.35
C MET A 34 -4.29 -2.53 3.85
N GLY A 35 -3.92 -1.39 3.28
CA GLY A 35 -3.69 -1.35 1.85
C GLY A 35 -3.09 -0.04 1.42
N TRP A 36 -3.02 0.14 0.10
CA TRP A 36 -2.45 1.36 -0.46
C TRP A 36 -3.39 1.97 -1.48
N PHE A 37 -3.45 3.29 -1.45
CA PHE A 37 -4.02 4.13 -2.49
C PHE A 37 -2.85 4.83 -3.18
N ARG A 38 -3.08 5.30 -4.40
CA ARG A 38 -2.09 6.16 -5.01
C ARG A 38 -2.77 7.39 -5.61
N GLN A 39 -1.97 8.43 -5.77
CA GLN A 39 -2.47 9.72 -6.22
C GLN A 39 -1.47 10.39 -7.15
N THR A 40 -1.96 10.87 -8.28
CA THR A 40 -1.23 11.73 -9.18
C THR A 40 -1.88 13.12 -9.22
N PRO A 41 -1.19 14.14 -9.74
CA PRO A 41 -1.71 15.51 -9.64
C PRO A 41 -3.08 15.69 -10.27
N GLY A 42 -3.99 16.31 -9.52
CA GLY A 42 -5.28 16.65 -10.05
C GLY A 42 -6.31 15.55 -9.99
N LYS A 43 -5.95 14.37 -9.48
CA LYS A 43 -6.86 13.24 -9.40
C LYS A 43 -7.06 12.82 -7.96
N GLU A 44 -8.19 12.19 -7.69
CA GLU A 44 -8.43 11.64 -6.36
C GLU A 44 -7.57 10.40 -6.13
N ARG A 45 -7.35 10.09 -4.85
CA ARG A 45 -6.66 8.87 -4.49
C ARG A 45 -7.46 7.66 -4.97
N GLU A 46 -6.74 6.64 -5.48
CA GLU A 46 -7.33 5.45 -6.09
C GLU A 46 -6.79 4.22 -5.39
N LEU A 47 -7.66 3.30 -5.02
CA LEU A 47 -7.25 2.07 -4.34
C LEU A 47 -6.42 1.19 -5.27
N VAL A 48 -5.23 0.81 -4.80
CA VAL A 48 -4.28 -0.03 -5.55
C VAL A 48 -4.36 -1.49 -5.12
N ALA A 49 -4.31 -1.73 -3.81
CA ALA A 49 -4.28 -3.08 -3.28
C ALA A 49 -4.67 -3.03 -1.82
N ALA A 50 -5.29 -4.09 -1.35
CA ALA A 50 -5.69 -4.20 0.04
C ALA A 50 -5.70 -5.66 0.48
N ILE A 51 -5.61 -5.84 1.80
CA ILE A 51 -5.57 -7.19 2.38
C ILE A 51 -6.23 -7.13 3.74
N ASN A 52 -7.01 -8.17 4.04
CA ASN A 52 -7.78 -8.18 5.28
C ASN A 52 -6.91 -8.59 6.47
N TRP A 53 -7.55 -8.65 7.64
CA TRP A 53 -6.84 -8.87 8.89
C TRP A 53 -6.05 -10.17 8.90
N SER A 54 -6.58 -11.22 8.24
CA SER A 54 -5.97 -12.54 8.31
C SER A 54 -4.96 -12.79 7.20
N GLY A 55 -4.94 -11.93 6.18
CA GLY A 55 -4.17 -12.21 4.99
C GLY A 55 -4.85 -13.11 3.99
N GLY A 56 -6.06 -13.56 4.25
CA GLY A 56 -6.72 -14.49 3.38
C GLY A 56 -7.49 -13.90 2.23
N ASN A 57 -7.76 -12.60 2.25
CA ASN A 57 -8.50 -11.98 1.17
C ASN A 57 -7.75 -10.73 0.73
N THR A 58 -7.58 -10.59 -0.59
CA THR A 58 -6.90 -9.46 -1.17
C THR A 58 -7.76 -8.84 -2.27
N HIS A 59 -7.38 -7.60 -2.61
CA HIS A 59 -8.02 -6.82 -3.65
C HIS A 59 -6.92 -6.11 -4.42
N TYR A 60 -7.06 -6.07 -5.75
CA TYR A 60 -6.16 -5.34 -6.63
C TYR A 60 -6.92 -4.52 -7.65
N ALA A 61 -6.37 -3.35 -7.96
CA ALA A 61 -6.83 -2.59 -9.10
C ALA A 61 -6.48 -3.34 -10.38
N ASP A 62 -7.36 -3.25 -11.37
CA ASP A 62 -7.11 -3.96 -12.62
C ASP A 62 -5.75 -3.60 -13.20
N SER A 63 -5.35 -2.33 -13.08
CA SER A 63 -4.14 -1.82 -13.71
C SER A 63 -2.86 -2.40 -13.13
N VAL A 64 -2.91 -3.06 -11.98
CA VAL A 64 -1.71 -3.58 -11.33
C VAL A 64 -1.76 -5.09 -11.19
N LYS A 65 -2.84 -5.73 -11.61
CA LYS A 65 -2.94 -7.18 -11.51
C LYS A 65 -1.79 -7.86 -12.25
N GLY A 66 -1.22 -8.88 -11.60
CA GLY A 66 -0.13 -9.62 -12.20
C GLY A 66 1.22 -8.96 -12.08
N ARG A 67 1.27 -7.73 -11.59
CA ARG A 67 2.54 -7.02 -11.38
C ARG A 67 2.79 -6.70 -9.93
N PHE A 68 1.74 -6.36 -9.17
CA PHE A 68 1.86 -5.99 -7.78
C PHE A 68 1.27 -7.09 -6.90
N THR A 69 1.90 -7.35 -5.76
CA THR A 69 1.42 -8.35 -4.82
C THR A 69 1.43 -7.75 -3.43
N ILE A 70 0.31 -7.87 -2.72
CA ILE A 70 0.24 -7.42 -1.34
C ILE A 70 0.26 -8.64 -0.43
N SER A 71 1.04 -8.55 0.64
CA SER A 71 1.19 -9.63 1.60
C SER A 71 1.23 -9.02 2.98
N ARG A 72 1.12 -9.88 4.00
CA ARG A 72 0.97 -9.43 5.38
C ARG A 72 1.79 -10.29 6.33
N ASP A 73 2.58 -9.64 7.16
CA ASP A 73 3.19 -10.24 8.34
C ASP A 73 2.24 -9.93 9.49
N ASN A 74 1.37 -10.88 9.81
CA ASN A 74 0.28 -10.60 10.73
C ASN A 74 0.80 -10.26 12.12
N ALA A 75 1.80 -11.00 12.60
CA ALA A 75 2.29 -10.74 13.95
C ALA A 75 2.81 -9.31 14.05
N LYS A 76 3.50 -8.83 13.02
CA LYS A 76 4.13 -7.53 13.06
C LYS A 76 3.19 -6.42 12.58
N SER A 77 1.93 -6.74 12.31
CA SER A 77 0.95 -5.77 11.84
C SER A 77 1.51 -4.94 10.68
N THR A 78 2.18 -5.62 9.74
CA THR A 78 2.87 -4.96 8.64
C THR A 78 2.44 -5.59 7.33
N VAL A 79 2.19 -4.73 6.33
CA VAL A 79 1.87 -5.21 4.99
C VAL A 79 2.97 -4.75 4.04
N TYR A 80 3.12 -5.51 2.95
CA TYR A 80 4.16 -5.27 1.94
C TYR A 80 3.50 -5.21 0.57
N LEU A 81 3.93 -4.27 -0.26
CA LEU A 81 3.48 -4.20 -1.64
C LEU A 81 4.70 -4.41 -2.52
N GLN A 82 4.80 -5.58 -3.12
CA GLN A 82 5.88 -5.89 -4.05
C GLN A 82 5.45 -5.41 -5.43
N MET A 83 6.14 -4.40 -5.94
CA MET A 83 5.76 -3.76 -7.19
C MET A 83 6.77 -4.16 -8.25
N ASN A 84 6.37 -5.08 -9.12
CA ASN A 84 7.24 -5.57 -10.19
C ASN A 84 6.82 -4.94 -11.51
N SER A 85 7.73 -5.00 -12.48
CA SER A 85 7.44 -4.57 -13.84
C SER A 85 6.86 -3.16 -13.86
N LEU A 86 7.51 -2.25 -13.14
CA LEU A 86 6.99 -0.90 -12.99
C LEU A 86 6.96 -0.16 -14.32
N LYS A 87 5.92 0.66 -14.48
CA LYS A 87 5.67 1.42 -15.68
C LYS A 87 5.70 2.91 -15.34
N PRO A 88 5.99 3.78 -16.30
CA PRO A 88 5.92 5.23 -16.02
C PRO A 88 4.60 5.65 -15.42
N GLU A 89 3.49 5.03 -15.86
CA GLU A 89 2.18 5.38 -15.36
C GLU A 89 1.97 5.00 -13.90
N ASP A 90 2.89 4.24 -13.30
CA ASP A 90 2.83 3.91 -11.88
C ASP A 90 3.41 5.01 -10.99
N THR A 91 4.04 6.02 -11.58
CA THR A 91 4.55 7.15 -10.81
C THR A 91 3.41 7.86 -10.08
N ALA A 92 3.53 7.95 -8.76
CA ALA A 92 2.45 8.48 -7.93
C ALA A 92 2.93 8.59 -6.50
N VAL A 93 2.15 9.26 -5.67
CA VAL A 93 2.31 9.16 -4.22
C VAL A 93 1.45 8.01 -3.74
N TYR A 94 2.05 7.07 -3.04
CA TYR A 94 1.34 5.91 -2.53
C TYR A 94 1.09 6.11 -1.05
N TYR A 95 -0.17 6.00 -0.62
CA TYR A 95 -0.54 6.19 0.77
C TYR A 95 -1.03 4.89 1.38
N CYS A 96 -0.45 4.51 2.49
CA CYS A 96 -1.01 3.42 3.26
C CYS A 96 -2.31 3.87 3.91
N ALA A 97 -3.23 2.93 4.06
CA ALA A 97 -4.56 3.22 4.60
C ALA A 97 -5.09 2.04 5.39
N ALA A 98 -5.93 2.35 6.38
CA ALA A 98 -6.68 1.38 7.15
C ALA A 98 -8.09 1.95 7.35
N PRO A 99 -9.10 1.10 7.47
CA PRO A 99 -10.47 1.64 7.58
C PRO A 99 -10.75 2.28 8.93
N LYS A 100 -11.52 3.38 8.90
CA LYS A 100 -12.14 3.97 10.09
C LYS A 100 -13.43 3.21 10.35
N GLY A 101 -13.34 2.17 11.17
CA GLY A 101 -14.48 1.33 11.41
C GLY A 101 -15.06 0.80 10.13
N HIS A 102 -16.39 0.77 10.07
CA HIS A 102 -17.11 0.26 8.90
C HIS A 102 -17.61 1.38 8.00
N THR A 103 -17.10 2.60 8.15
CA THR A 103 -17.67 3.78 7.54
C THR A 103 -17.28 4.02 6.08
N GLY A 104 -16.22 3.35 5.62
CA GLY A 104 -15.67 3.64 4.30
C GLY A 104 -14.65 4.75 4.28
N ASP A 105 -14.44 5.45 5.39
CA ASP A 105 -13.37 6.44 5.51
C ASP A 105 -12.11 5.73 6.01
N HIS A 106 -10.99 6.48 6.04
CA HIS A 106 -9.69 5.85 6.29
C HIS A 106 -8.80 6.65 7.21
N TYR A 107 -7.99 5.89 7.95
CA TYR A 107 -6.74 6.40 8.48
C TYR A 107 -5.68 6.33 7.39
N TRP A 108 -4.76 7.28 7.42
CA TRP A 108 -3.77 7.43 6.35
C TRP A 108 -2.36 7.50 6.91
N GLY A 109 -1.44 6.81 6.22
CA GLY A 109 -0.05 7.05 6.38
C GLY A 109 0.36 8.37 5.72
N PRO A 110 1.64 8.71 5.85
CA PRO A 110 2.10 10.01 5.35
C PRO A 110 2.26 10.08 3.84
N GLY A 111 2.29 8.96 3.13
CA GLY A 111 2.53 8.97 1.71
C GLY A 111 3.99 8.71 1.39
N THR A 112 4.20 7.96 0.30
CA THR A 112 5.52 7.53 -0.16
C THR A 112 5.60 7.79 -1.64
N GLN A 113 6.64 8.51 -2.09
CA GLN A 113 6.81 8.77 -3.51
C GLN A 113 7.37 7.53 -4.21
N VAL A 114 6.73 7.15 -5.31
CA VAL A 114 7.23 6.15 -6.23
C VAL A 114 7.37 6.84 -7.58
N THR A 115 8.59 6.86 -8.12
CA THR A 115 8.85 7.55 -9.36
C THR A 115 9.55 6.61 -10.31
N VAL A 116 8.92 6.37 -11.46
CA VAL A 116 9.44 5.43 -12.46
C VAL A 116 9.94 6.25 -13.64
N SER A 117 11.24 6.16 -13.90
CA SER A 117 11.86 6.93 -14.97
C SER A 117 11.80 6.20 -16.32
S SO4 B . -11.79 2.23 14.44
O1 SO4 B . -12.67 3.36 14.21
O2 SO4 B . -10.42 2.68 14.69
O3 SO4 B . -12.27 1.45 15.58
O4 SO4 B . -11.77 1.38 13.25
C ACT C . -8.13 -0.68 2.78
O ACT C . -7.67 0.09 1.91
OXT ACT C . -7.60 -1.06 3.85
CH3 ACT C . -9.55 -1.25 2.53
H1 ACT C . -9.49 -2.14 2.16
H2 ACT C . -10.03 -0.67 1.90
H3 ACT C . -10.05 -1.28 3.37
S SO4 D . -5.74 -3.62 16.89
O1 SO4 D . -4.82 -2.95 15.96
O2 SO4 D . -6.69 -2.65 17.43
O3 SO4 D . -6.48 -4.67 16.21
O4 SO4 D . -4.97 -4.21 17.99
#